data_1UMW
#
_entry.id   1UMW
#
_cell.length_a   62.352
_cell.length_b   79.518
_cell.length_c   61.993
_cell.angle_alpha   90.00
_cell.angle_beta   93.26
_cell.angle_gamma   90.00
#
_symmetry.space_group_name_H-M   'P 1 21 1'
#
loop_
_entity.id
_entity.type
_entity.pdbx_description
1 polymer 'SERINE/THREONINE-PROTEIN KINASE PLK'
2 polymer PEPTIDE
3 water water
#
loop_
_entity_poly.entity_id
_entity_poly.type
_entity_poly.pdbx_seq_one_letter_code
_entity_poly.pdbx_strand_id
1 'polypeptide(L)'
;GEVVDCHLSDMLQQLHSVNASKPSERGLVRQEEAEDPACIPIFWVSKWVDYSDKYGLGYQLCDNSVGVLFNDSTRLILYN
DGDSLQYIERDGTESYLTVSSHPNSLMKKITLLKYFRNYMSEHLLKAGANITPREGDELARLPYLRTWFRTRSAIILHLS
NGSVQINFFQDHTKLILCPLMAAVTYIDEKRDFRTYRLSLLEEYGCCKELASRLRYARTMVDKLLSSRSASNRLKAS
;
A,B
2 'polypeptide(L)' PMQS(TPO)PL E,F
#
# COMPACT_ATOMS: atom_id res chain seq x y z
N HIS A 7 -26.47 2.96 -21.32
CA HIS A 7 -27.69 2.49 -20.60
C HIS A 7 -28.00 1.04 -20.96
N LEU A 8 -28.80 0.39 -20.12
CA LEU A 8 -29.12 -1.02 -20.31
C LEU A 8 -29.90 -1.23 -21.61
N SER A 9 -30.82 -0.32 -21.90
CA SER A 9 -31.62 -0.41 -23.12
C SER A 9 -30.72 -0.39 -24.36
N ASP A 10 -29.76 0.53 -24.38
CA ASP A 10 -28.79 0.60 -25.46
C ASP A 10 -27.95 -0.69 -25.53
N MET A 11 -27.50 -1.15 -24.39
CA MET A 11 -26.70 -2.37 -24.37
C MET A 11 -27.51 -3.55 -24.92
N LEU A 12 -28.78 -3.64 -24.55
CA LEU A 12 -29.63 -4.71 -25.08
C LEU A 12 -29.72 -4.66 -26.59
N GLN A 13 -29.89 -3.46 -27.14
CA GLN A 13 -30.02 -3.31 -28.59
C GLN A 13 -28.74 -3.76 -29.27
N GLN A 14 -27.61 -3.36 -28.70
CA GLN A 14 -26.30 -3.71 -29.25
C GLN A 14 -26.06 -5.21 -29.22
N LEU A 15 -26.42 -5.84 -28.11
CA LEU A 15 -26.25 -7.29 -27.96
C LEU A 15 -27.23 -8.06 -28.87
N HIS A 16 -28.46 -7.59 -28.93
CA HIS A 16 -29.42 -8.26 -29.80
C HIS A 16 -28.92 -8.22 -31.24
N SER A 17 -28.38 -7.08 -31.64
CA SER A 17 -27.91 -6.92 -33.01
C SER A 17 -26.78 -7.86 -33.38
N VAL A 18 -25.74 -7.94 -32.56
CA VAL A 18 -24.64 -8.83 -32.89
C VAL A 18 -25.06 -10.30 -32.76
N ASN A 19 -25.84 -10.63 -31.73
CA ASN A 19 -26.24 -12.03 -31.51
C ASN A 19 -27.15 -12.55 -32.63
N ALA A 20 -28.05 -11.69 -33.08
CA ALA A 20 -28.98 -12.07 -34.17
C ALA A 20 -28.26 -12.34 -35.47
N SER A 21 -27.05 -11.80 -35.60
CA SER A 21 -26.25 -12.00 -36.80
C SER A 21 -25.49 -13.33 -36.82
N LYS A 22 -25.59 -14.09 -35.72
CA LYS A 22 -24.95 -15.41 -35.59
C LYS A 22 -23.49 -15.38 -35.98
N PRO A 23 -22.71 -14.61 -35.23
CA PRO A 23 -21.30 -14.33 -35.58
C PRO A 23 -20.38 -15.53 -35.66
N SER A 24 -20.70 -16.65 -34.98
CA SER A 24 -19.82 -17.82 -35.03
C SER A 24 -20.26 -18.82 -36.10
N GLU A 25 -21.37 -18.52 -36.77
CA GLU A 25 -21.93 -19.40 -37.77
C GLU A 25 -21.63 -18.88 -39.18
N ARG A 26 -20.42 -18.37 -39.33
CA ARG A 26 -19.96 -17.82 -40.59
C ARG A 26 -18.94 -18.78 -41.17
N GLY A 27 -18.72 -18.71 -42.47
CA GLY A 27 -17.74 -19.59 -43.07
C GLY A 27 -16.30 -19.29 -42.69
N LEU A 28 -15.97 -18.02 -42.56
CA LEU A 28 -14.63 -17.64 -42.19
C LEU A 28 -14.75 -16.59 -41.09
N VAL A 29 -14.10 -16.83 -39.96
CA VAL A 29 -14.14 -15.87 -38.87
C VAL A 29 -12.88 -15.01 -38.87
N ARG A 30 -13.06 -13.70 -38.72
CA ARG A 30 -11.95 -12.77 -38.63
C ARG A 30 -12.14 -11.87 -37.41
N GLN A 31 -12.20 -12.51 -36.24
CA GLN A 31 -12.39 -11.83 -34.96
C GLN A 31 -11.40 -10.69 -34.76
N GLU A 32 -10.18 -10.88 -35.23
CA GLU A 32 -9.13 -9.88 -35.04
C GLU A 32 -9.48 -8.53 -35.67
N GLU A 33 -10.34 -8.55 -36.68
CA GLU A 33 -10.70 -7.33 -37.38
C GLU A 33 -11.69 -6.49 -36.58
N ALA A 34 -12.16 -7.04 -35.46
CA ALA A 34 -13.10 -6.32 -34.61
C ALA A 34 -12.40 -5.68 -33.40
N GLU A 35 -11.11 -5.95 -33.26
CA GLU A 35 -10.32 -5.39 -32.17
C GLU A 35 -10.22 -3.87 -32.23
N ASP A 36 -10.46 -3.20 -31.09
CA ASP A 36 -10.38 -1.76 -31.03
C ASP A 36 -9.84 -1.39 -29.65
N PRO A 37 -8.51 -1.34 -29.53
CA PRO A 37 -7.86 -1.05 -28.24
C PRO A 37 -8.21 0.33 -27.71
N ALA A 38 -8.65 1.23 -28.58
CA ALA A 38 -9.03 2.57 -28.14
C ALA A 38 -10.32 2.55 -27.32
N CYS A 39 -10.98 1.40 -27.31
CA CYS A 39 -12.23 1.26 -26.57
C CYS A 39 -12.08 0.53 -25.23
N ILE A 40 -10.85 0.21 -24.86
CA ILE A 40 -10.61 -0.45 -23.58
C ILE A 40 -11.26 0.38 -22.45
N PRO A 41 -11.91 -0.29 -21.50
CA PRO A 41 -12.62 0.42 -20.44
C PRO A 41 -11.67 1.14 -19.49
N ILE A 42 -12.17 2.20 -18.87
CA ILE A 42 -11.43 2.91 -17.84
C ILE A 42 -11.49 2.12 -16.52
N PHE A 43 -12.65 1.54 -16.23
CA PHE A 43 -12.86 0.82 -14.98
C PHE A 43 -13.50 -0.55 -15.19
N TRP A 44 -13.15 -1.48 -14.31
CA TRP A 44 -13.83 -2.77 -14.20
C TRP A 44 -13.63 -3.26 -12.76
N VAL A 45 -14.39 -4.28 -12.36
CA VAL A 45 -14.26 -4.86 -11.03
C VAL A 45 -13.10 -5.87 -11.00
N SER A 46 -12.12 -5.61 -10.12
CA SER A 46 -10.91 -6.44 -10.04
C SER A 46 -11.00 -7.53 -8.99
N LYS A 47 -11.77 -7.27 -7.93
CA LYS A 47 -11.96 -8.22 -6.84
C LYS A 47 -13.33 -7.94 -6.24
N TRP A 48 -13.93 -8.95 -5.62
CA TRP A 48 -15.21 -8.77 -4.94
C TRP A 48 -15.41 -9.81 -3.84
N VAL A 49 -16.20 -9.45 -2.84
CA VAL A 49 -16.52 -10.33 -1.71
C VAL A 49 -18.02 -10.20 -1.41
N ASP A 50 -18.72 -11.32 -1.42
CA ASP A 50 -20.16 -11.33 -1.18
C ASP A 50 -20.49 -11.58 0.30
N TYR A 51 -20.68 -10.50 1.04
CA TYR A 51 -21.06 -10.60 2.45
C TYR A 51 -22.48 -10.09 2.60
N SER A 52 -23.31 -10.40 1.61
CA SER A 52 -24.68 -9.87 1.57
C SER A 52 -25.60 -10.56 2.57
N ASP A 53 -25.06 -11.53 3.28
CA ASP A 53 -25.74 -12.24 4.33
C ASP A 53 -25.96 -11.29 5.51
N LYS A 54 -25.03 -10.34 5.66
CA LYS A 54 -25.05 -9.46 6.82
C LYS A 54 -24.75 -7.99 6.56
N TYR A 55 -23.88 -7.69 5.60
CA TYR A 55 -23.48 -6.32 5.34
C TYR A 55 -23.74 -5.82 3.92
N GLY A 56 -23.31 -6.59 2.92
CA GLY A 56 -23.51 -6.18 1.55
C GLY A 56 -22.42 -6.76 0.65
N LEU A 57 -22.24 -6.15 -0.52
CA LEU A 57 -21.23 -6.60 -1.46
C LEU A 57 -20.09 -5.62 -1.58
N GLY A 58 -18.89 -6.05 -1.20
CA GLY A 58 -17.70 -5.22 -1.29
C GLY A 58 -16.90 -5.53 -2.55
N TYR A 59 -16.27 -4.52 -3.14
CA TYR A 59 -15.52 -4.75 -4.38
C TYR A 59 -14.35 -3.77 -4.55
N GLN A 60 -13.40 -4.14 -5.41
CA GLN A 60 -12.29 -3.28 -5.75
C GLN A 60 -12.40 -2.96 -7.25
N LEU A 61 -12.18 -1.71 -7.61
CA LEU A 61 -12.07 -1.38 -9.03
C LEU A 61 -10.60 -1.49 -9.41
N CYS A 62 -10.34 -1.55 -10.72
CA CYS A 62 -8.98 -1.73 -11.25
C CYS A 62 -7.97 -0.62 -10.90
N ASP A 63 -8.48 0.55 -10.50
CA ASP A 63 -7.62 1.69 -10.12
C ASP A 63 -7.25 1.66 -8.63
N ASN A 64 -7.63 0.56 -7.97
CA ASN A 64 -7.38 0.32 -6.54
C ASN A 64 -8.37 0.96 -5.54
N SER A 65 -9.34 1.71 -6.05
CA SER A 65 -10.43 2.22 -5.22
C SER A 65 -11.26 1.03 -4.77
N VAL A 66 -11.98 1.16 -3.67
CA VAL A 66 -12.85 0.09 -3.22
C VAL A 66 -14.25 0.64 -3.00
N GLY A 67 -15.25 -0.24 -3.02
CA GLY A 67 -16.60 0.22 -2.82
C GLY A 67 -17.43 -0.85 -2.17
N VAL A 68 -18.61 -0.47 -1.71
CA VAL A 68 -19.53 -1.43 -1.14
C VAL A 68 -20.95 -1.02 -1.49
N LEU A 69 -21.76 -2.02 -1.81
CA LEU A 69 -23.17 -1.80 -2.01
C LEU A 69 -23.76 -2.45 -0.78
N PHE A 70 -24.14 -1.62 0.18
CA PHE A 70 -24.68 -2.11 1.45
C PHE A 70 -26.09 -2.67 1.33
N ASN A 71 -26.45 -3.55 2.25
CA ASN A 71 -27.78 -4.15 2.26
C ASN A 71 -28.93 -3.15 2.38
N ASP A 72 -28.63 -1.93 2.84
CA ASP A 72 -29.66 -0.91 2.94
C ASP A 72 -29.77 -0.06 1.67
N SER A 73 -29.11 -0.50 0.61
CA SER A 73 -29.11 0.18 -0.70
C SER A 73 -28.33 1.49 -0.77
N THR A 74 -27.47 1.75 0.21
CA THR A 74 -26.60 2.91 0.08
C THR A 74 -25.27 2.38 -0.41
N ARG A 75 -24.45 3.24 -0.99
CA ARG A 75 -23.15 2.82 -1.47
C ARG A 75 -22.07 3.78 -0.99
N LEU A 76 -20.89 3.26 -0.69
CA LEU A 76 -19.77 4.06 -0.22
C LEU A 76 -18.54 3.67 -1.01
N ILE A 77 -17.79 4.68 -1.44
CA ILE A 77 -16.58 4.45 -2.22
C ILE A 77 -15.41 5.11 -1.53
N LEU A 78 -14.28 4.41 -1.47
CA LEU A 78 -13.06 4.96 -0.93
C LEU A 78 -12.05 5.02 -2.09
N TYR A 79 -11.62 6.24 -2.45
CA TYR A 79 -10.69 6.45 -3.56
C TYR A 79 -9.31 5.87 -3.28
N ASN A 80 -8.52 5.67 -4.34
CA ASN A 80 -7.20 5.07 -4.20
C ASN A 80 -6.17 5.92 -3.42
N ASP A 81 -6.55 7.12 -2.99
CA ASP A 81 -5.63 7.89 -2.15
C ASP A 81 -5.82 7.52 -0.69
N GLY A 82 -6.78 6.63 -0.44
CA GLY A 82 -7.01 6.09 0.90
C GLY A 82 -7.73 6.99 1.88
N ASP A 83 -8.24 8.13 1.42
CA ASP A 83 -8.89 9.08 2.32
C ASP A 83 -10.18 9.67 1.74
N SER A 84 -10.18 9.92 0.44
CA SER A 84 -11.35 10.52 -0.21
C SER A 84 -12.54 9.55 -0.28
N LEU A 85 -13.74 10.07 -0.04
CA LEU A 85 -14.95 9.25 -0.05
C LEU A 85 -16.00 9.83 -0.95
N GLN A 86 -16.83 8.94 -1.50
CA GLN A 86 -18.03 9.32 -2.21
C GLN A 86 -19.14 8.46 -1.61
N TYR A 87 -20.15 9.10 -1.01
CA TYR A 87 -21.30 8.40 -0.42
C TYR A 87 -22.51 8.63 -1.29
N ILE A 88 -23.19 7.54 -1.64
CA ILE A 88 -24.39 7.62 -2.45
C ILE A 88 -25.54 7.10 -1.63
N GLU A 89 -26.50 7.97 -1.33
CA GLU A 89 -27.67 7.62 -0.55
C GLU A 89 -28.69 6.88 -1.40
N ARG A 90 -29.70 6.31 -0.76
CA ARG A 90 -30.71 5.52 -1.46
C ARG A 90 -31.31 6.23 -2.65
N ASP A 91 -31.56 7.52 -2.50
CA ASP A 91 -32.17 8.31 -3.57
C ASP A 91 -31.14 8.77 -4.59
N GLY A 92 -29.91 8.31 -4.49
CA GLY A 92 -28.89 8.70 -5.44
C GLY A 92 -28.10 9.96 -5.09
N THR A 93 -28.43 10.61 -3.97
CA THR A 93 -27.68 11.81 -3.56
C THR A 93 -26.22 11.45 -3.29
N GLU A 94 -25.31 12.22 -3.89
CA GLU A 94 -23.88 11.95 -3.74
C GLU A 94 -23.19 12.97 -2.84
N SER A 95 -22.36 12.48 -1.92
CA SER A 95 -21.60 13.35 -1.03
C SER A 95 -20.11 13.00 -1.18
N TYR A 96 -19.27 14.03 -1.25
CA TYR A 96 -17.82 13.82 -1.36
C TYR A 96 -17.18 14.27 -0.06
N LEU A 97 -16.57 13.32 0.63
CA LEU A 97 -16.01 13.58 1.95
C LEU A 97 -14.64 12.95 2.09
N THR A 98 -14.08 13.08 3.28
CA THR A 98 -12.81 12.48 3.60
C THR A 98 -12.97 11.66 4.87
N VAL A 99 -12.21 10.58 4.98
CA VAL A 99 -12.23 9.76 6.19
C VAL A 99 -11.63 10.59 7.33
N SER A 100 -10.52 11.27 7.04
CA SER A 100 -9.82 12.07 8.03
C SER A 100 -10.73 13.12 8.68
N SER A 101 -11.74 13.58 7.96
CA SER A 101 -12.67 14.59 8.46
C SER A 101 -13.63 14.03 9.52
N HIS A 102 -13.63 12.71 9.68
CA HIS A 102 -14.48 12.02 10.65
C HIS A 102 -15.98 12.34 10.49
N PRO A 103 -16.58 11.87 9.40
CA PRO A 103 -18.01 12.03 9.17
C PRO A 103 -18.80 11.13 10.13
N ASN A 104 -19.36 11.74 11.17
CA ASN A 104 -20.03 11.01 12.25
C ASN A 104 -20.99 9.88 11.86
N SER A 105 -21.93 10.19 10.97
CA SER A 105 -22.95 9.21 10.58
C SER A 105 -22.37 8.04 9.76
N LEU A 106 -21.19 8.24 9.20
CA LEU A 106 -20.60 7.25 8.30
C LEU A 106 -19.50 6.37 8.91
N MET A 107 -19.11 6.66 10.15
CA MET A 107 -18.00 5.92 10.76
C MET A 107 -18.13 4.38 10.72
N LYS A 108 -19.30 3.85 11.04
CA LYS A 108 -19.50 2.39 10.99
C LYS A 108 -19.39 1.84 9.55
N LYS A 109 -19.95 2.56 8.60
CA LYS A 109 -19.86 2.12 7.20
C LYS A 109 -18.42 2.18 6.70
N ILE A 110 -17.69 3.23 7.08
CA ILE A 110 -16.28 3.34 6.73
C ILE A 110 -15.48 2.15 7.28
N THR A 111 -15.79 1.74 8.51
CA THR A 111 -15.07 0.63 9.14
C THR A 111 -15.30 -0.66 8.39
N LEU A 112 -16.54 -0.88 7.97
CA LEU A 112 -16.89 -2.06 7.20
C LEU A 112 -16.16 -2.06 5.86
N LEU A 113 -16.08 -0.89 5.23
CA LEU A 113 -15.43 -0.78 3.93
C LEU A 113 -13.95 -1.10 4.05
N LYS A 114 -13.31 -0.56 5.08
CA LYS A 114 -11.90 -0.84 5.30
C LYS A 114 -11.67 -2.33 5.54
N TYR A 115 -12.58 -2.97 6.27
CA TYR A 115 -12.46 -4.42 6.45
C TYR A 115 -12.44 -5.11 5.08
N PHE A 116 -13.39 -4.75 4.21
CA PHE A 116 -13.44 -5.32 2.85
C PHE A 116 -12.13 -5.06 2.11
N ARG A 117 -11.66 -3.81 2.14
CA ARG A 117 -10.43 -3.44 1.45
C ARG A 117 -9.26 -4.33 1.90
N ASN A 118 -9.14 -4.49 3.21
CA ASN A 118 -8.06 -5.29 3.77
C ASN A 118 -8.20 -6.77 3.43
N TYR A 119 -9.42 -7.28 3.49
CA TYR A 119 -9.67 -8.67 3.14
C TYR A 119 -9.27 -8.96 1.69
N MET A 120 -9.70 -8.09 0.79
CA MET A 120 -9.42 -8.28 -0.63
C MET A 120 -7.92 -8.17 -0.95
N SER A 121 -7.25 -7.24 -0.29
CA SER A 121 -5.81 -7.07 -0.49
C SER A 121 -5.00 -8.27 0.01
N GLU A 122 -5.45 -8.89 1.10
CA GLU A 122 -4.71 -10.02 1.66
C GLU A 122 -4.98 -11.37 0.98
N HIS A 123 -6.21 -11.58 0.49
CA HIS A 123 -6.59 -12.88 -0.02
C HIS A 123 -6.88 -13.03 -1.51
N LEU A 124 -7.15 -11.94 -2.21
CA LEU A 124 -7.68 -12.07 -3.58
C LEU A 124 -6.81 -11.54 -4.72
N LEU A 125 -6.92 -12.22 -5.86
CA LEU A 125 -6.16 -11.90 -7.06
C LEU A 125 -6.79 -10.74 -7.82
N LYS A 126 -5.98 -9.79 -8.29
CA LYS A 126 -6.51 -8.64 -9.03
C LYS A 126 -6.79 -8.98 -10.50
N ALA A 127 -8.06 -8.94 -10.89
CA ALA A 127 -8.43 -9.23 -12.27
C ALA A 127 -7.99 -8.10 -13.21
N GLY A 128 -7.45 -8.48 -14.36
CA GLY A 128 -7.02 -7.48 -15.33
C GLY A 128 -5.73 -6.81 -14.91
N ALA A 129 -4.92 -7.53 -14.14
CA ALA A 129 -3.65 -6.99 -13.66
C ALA A 129 -2.74 -6.61 -14.83
N ASN A 130 -2.91 -7.30 -15.96
CA ASN A 130 -2.09 -7.04 -17.15
C ASN A 130 -2.72 -6.04 -18.11
N ILE A 131 -3.86 -5.47 -17.72
CA ILE A 131 -4.55 -4.53 -18.60
C ILE A 131 -4.30 -3.08 -18.20
N THR A 132 -4.10 -2.25 -19.21
CA THR A 132 -3.91 -0.82 -19.01
C THR A 132 -5.18 -0.09 -19.43
N PRO A 133 -5.91 0.45 -18.46
CA PRO A 133 -7.17 1.13 -18.74
C PRO A 133 -6.93 2.39 -19.56
N ARG A 134 -7.93 2.84 -20.30
CA ARG A 134 -7.76 4.08 -21.04
C ARG A 134 -7.95 5.25 -20.07
N GLU A 135 -7.79 6.47 -20.56
CA GLU A 135 -7.93 7.62 -19.69
C GLU A 135 -8.88 8.66 -20.28
N GLY A 136 -9.69 9.28 -19.43
CA GLY A 136 -10.63 10.30 -19.88
C GLY A 136 -11.03 11.23 -18.75
N ASP A 137 -10.67 12.50 -18.88
CA ASP A 137 -10.98 13.51 -17.87
C ASP A 137 -10.27 13.19 -16.55
N GLU A 138 -11.03 13.11 -15.46
CA GLU A 138 -10.51 12.81 -14.12
C GLU A 138 -11.17 13.71 -13.06
N LEU A 139 -11.77 14.80 -13.51
CA LEU A 139 -12.38 15.79 -12.61
C LEU A 139 -13.67 15.32 -11.90
N ALA A 140 -14.29 14.28 -12.44
CA ALA A 140 -15.51 13.71 -11.88
C ALA A 140 -15.84 12.43 -12.65
N ARG A 141 -15.47 11.26 -12.10
CA ARG A 141 -15.62 10.05 -12.91
C ARG A 141 -15.55 8.65 -12.29
N LEU A 142 -15.61 8.50 -10.98
CA LEU A 142 -15.58 7.14 -10.41
C LEU A 142 -17.01 6.59 -10.31
N PRO A 143 -17.27 5.47 -10.95
CA PRO A 143 -18.61 4.86 -10.93
C PRO A 143 -18.81 4.03 -9.67
N TYR A 144 -20.07 3.78 -9.30
CA TYR A 144 -20.33 2.91 -8.16
C TYR A 144 -21.16 1.74 -8.65
N LEU A 145 -21.32 0.74 -7.80
CA LEU A 145 -22.07 -0.44 -8.18
C LEU A 145 -23.57 -0.17 -8.03
N ARG A 146 -24.29 -0.18 -9.15
CA ARG A 146 -25.74 0.08 -9.14
C ARG A 146 -26.51 -1.13 -8.63
N THR A 147 -26.15 -2.31 -9.12
CA THR A 147 -26.77 -3.55 -8.65
C THR A 147 -25.95 -4.72 -9.16
N TRP A 148 -26.27 -5.90 -8.67
CA TRP A 148 -25.56 -7.12 -9.03
C TRP A 148 -26.44 -8.28 -8.63
N PHE A 149 -26.17 -9.45 -9.21
CA PHE A 149 -26.85 -10.66 -8.82
C PHE A 149 -25.97 -11.84 -9.23
N ARG A 150 -26.23 -13.01 -8.68
CA ARG A 150 -25.43 -14.18 -9.01
C ARG A 150 -26.31 -15.29 -9.56
N THR A 151 -25.80 -16.02 -10.55
CA THR A 151 -26.48 -17.22 -11.06
C THR A 151 -25.58 -18.40 -10.66
N ARG A 152 -25.93 -19.61 -11.08
CA ARG A 152 -25.09 -20.74 -10.75
C ARG A 152 -23.79 -20.67 -11.54
N SER A 153 -23.78 -19.86 -12.60
CA SER A 153 -22.63 -19.79 -13.51
C SER A 153 -21.78 -18.52 -13.40
N ALA A 154 -22.34 -17.44 -12.87
CA ALA A 154 -21.62 -16.18 -12.89
C ALA A 154 -22.14 -15.14 -11.93
N ILE A 155 -21.33 -14.10 -11.73
CA ILE A 155 -21.76 -12.92 -10.99
C ILE A 155 -21.86 -11.80 -12.03
N ILE A 156 -22.94 -11.03 -11.94
CA ILE A 156 -23.23 -9.96 -12.89
C ILE A 156 -23.15 -8.66 -12.11
N LEU A 157 -22.32 -7.72 -12.58
CA LEU A 157 -22.09 -6.46 -11.90
C LEU A 157 -22.45 -5.32 -12.83
N HIS A 158 -23.30 -4.41 -12.36
CA HIS A 158 -23.75 -3.29 -13.17
C HIS A 158 -23.27 -2.00 -12.53
N LEU A 159 -22.35 -1.33 -13.20
CA LEU A 159 -21.75 -0.08 -12.72
C LEU A 159 -22.57 1.15 -13.14
N SER A 160 -22.46 2.23 -12.37
CA SER A 160 -23.22 3.45 -12.62
C SER A 160 -22.83 4.18 -13.91
N ASN A 161 -21.72 3.79 -14.52
CA ASN A 161 -21.32 4.39 -15.80
C ASN A 161 -21.93 3.63 -16.99
N GLY A 162 -22.80 2.67 -16.68
CA GLY A 162 -23.49 1.88 -17.67
C GLY A 162 -22.85 0.54 -18.00
N SER A 163 -21.61 0.35 -17.57
CA SER A 163 -20.89 -0.89 -17.86
C SER A 163 -21.52 -2.09 -17.15
N VAL A 164 -21.53 -3.23 -17.82
CA VAL A 164 -21.99 -4.48 -17.24
C VAL A 164 -20.85 -5.49 -17.31
N GLN A 165 -20.49 -6.07 -16.16
CA GLN A 165 -19.40 -7.04 -16.11
C GLN A 165 -19.94 -8.39 -15.68
N ILE A 166 -19.51 -9.44 -16.36
CA ILE A 166 -19.94 -10.80 -16.03
C ILE A 166 -18.70 -11.67 -15.85
N ASN A 167 -18.52 -12.21 -14.64
CA ASN A 167 -17.41 -13.09 -14.29
C ASN A 167 -17.94 -14.50 -14.19
N PHE A 168 -17.44 -15.40 -15.05
CA PHE A 168 -17.86 -16.79 -15.04
C PHE A 168 -17.04 -17.58 -14.03
N PHE A 169 -17.72 -18.32 -13.16
CA PHE A 169 -17.07 -19.02 -12.06
C PHE A 169 -16.22 -20.22 -12.51
N GLN A 170 -16.76 -20.99 -13.44
CA GLN A 170 -16.13 -22.26 -13.85
C GLN A 170 -14.75 -22.15 -14.48
N ASP A 171 -14.58 -21.20 -15.40
CA ASP A 171 -13.31 -21.10 -16.10
C ASP A 171 -12.59 -19.77 -15.93
N HIS A 172 -13.13 -18.92 -15.06
CA HIS A 172 -12.53 -17.62 -14.78
C HIS A 172 -12.54 -16.64 -15.95
N THR A 173 -13.32 -16.92 -16.99
CA THR A 173 -13.41 -15.97 -18.11
C THR A 173 -14.32 -14.81 -17.71
N LYS A 174 -14.15 -13.65 -18.34
CA LYS A 174 -14.90 -12.45 -17.94
C LYS A 174 -15.21 -11.58 -19.12
N LEU A 175 -16.35 -10.90 -19.07
CA LEU A 175 -16.74 -9.93 -20.08
C LEU A 175 -16.96 -8.58 -19.41
N ILE A 176 -16.49 -7.51 -20.05
CA ILE A 176 -16.79 -6.15 -19.59
C ILE A 176 -17.46 -5.45 -20.77
N LEU A 177 -18.76 -5.17 -20.63
CA LEU A 177 -19.55 -4.56 -21.68
C LEU A 177 -19.77 -3.09 -21.41
N CYS A 178 -19.54 -2.25 -22.41
CA CYS A 178 -19.77 -0.81 -22.30
C CYS A 178 -20.70 -0.34 -23.42
N PRO A 179 -21.86 0.17 -23.04
CA PRO A 179 -22.84 0.63 -24.02
C PRO A 179 -22.47 1.99 -24.62
N LEU A 180 -21.55 2.71 -23.99
CA LEU A 180 -21.15 4.03 -24.50
C LEU A 180 -20.19 3.82 -25.66
N MET A 181 -19.26 2.87 -25.49
CA MET A 181 -18.34 2.52 -26.55
C MET A 181 -18.96 1.48 -27.50
N ALA A 182 -20.04 0.83 -27.06
CA ALA A 182 -20.65 -0.27 -27.82
C ALA A 182 -19.58 -1.32 -28.03
N ALA A 183 -18.92 -1.68 -26.94
CA ALA A 183 -17.77 -2.56 -27.00
C ALA A 183 -17.83 -3.64 -25.93
N VAL A 184 -17.07 -4.71 -26.17
CA VAL A 184 -16.95 -5.77 -25.18
C VAL A 184 -15.49 -6.13 -25.00
N THR A 185 -15.08 -6.26 -23.73
CA THR A 185 -13.74 -6.69 -23.42
C THR A 185 -13.85 -8.12 -22.89
N TYR A 186 -13.14 -9.05 -23.53
CA TYR A 186 -13.16 -10.45 -23.16
C TYR A 186 -11.83 -10.83 -22.55
N ILE A 187 -11.89 -11.41 -21.34
CA ILE A 187 -10.69 -11.89 -20.65
C ILE A 187 -10.83 -13.40 -20.67
N ASP A 188 -9.90 -14.08 -21.34
CA ASP A 188 -10.03 -15.53 -21.52
C ASP A 188 -9.36 -16.33 -20.40
N GLU A 189 -9.47 -17.65 -20.47
CA GLU A 189 -8.96 -18.51 -19.40
C GLU A 189 -7.45 -18.42 -19.22
N LYS A 190 -6.75 -17.83 -20.19
CA LYS A 190 -5.31 -17.66 -20.08
C LYS A 190 -4.98 -16.27 -19.56
N ARG A 191 -6.03 -15.48 -19.30
CA ARG A 191 -5.91 -14.11 -18.79
C ARG A 191 -5.49 -13.14 -19.89
N ASP A 192 -5.53 -13.64 -21.11
CA ASP A 192 -5.28 -12.83 -22.27
C ASP A 192 -6.56 -12.03 -22.50
N PHE A 193 -6.44 -10.85 -23.09
CA PHE A 193 -7.62 -10.03 -23.26
C PHE A 193 -7.63 -9.31 -24.60
N ARG A 194 -8.82 -8.88 -24.98
CA ARG A 194 -9.04 -8.11 -26.19
C ARG A 194 -10.29 -7.28 -25.99
N THR A 195 -10.30 -6.09 -26.58
CA THR A 195 -11.50 -5.27 -26.59
C THR A 195 -12.01 -5.25 -28.02
N TYR A 196 -13.29 -5.55 -28.22
CA TYR A 196 -13.88 -5.62 -29.56
C TYR A 196 -15.04 -4.67 -29.72
N ARG A 197 -15.15 -4.03 -30.89
CA ARG A 197 -16.34 -3.25 -31.18
C ARG A 197 -17.42 -4.25 -31.54
N LEU A 198 -18.58 -4.15 -30.89
CA LEU A 198 -19.65 -5.11 -31.12
C LEU A 198 -20.16 -5.13 -32.56
N SER A 199 -20.29 -3.95 -33.17
CA SER A 199 -20.75 -3.88 -34.55
C SER A 199 -19.76 -4.53 -35.52
N LEU A 200 -18.46 -4.53 -35.17
CA LEU A 200 -17.46 -5.19 -36.03
C LEU A 200 -17.47 -6.71 -35.88
N LEU A 201 -17.84 -7.20 -34.69
CA LEU A 201 -18.00 -8.66 -34.50
C LEU A 201 -19.17 -9.12 -35.37
N GLU A 202 -20.16 -8.25 -35.49
CA GLU A 202 -21.33 -8.54 -36.30
C GLU A 202 -20.92 -8.69 -37.77
N GLU A 203 -19.99 -7.85 -38.19
CA GLU A 203 -19.55 -7.86 -39.58
C GLU A 203 -18.50 -8.90 -39.88
N TYR A 204 -17.58 -9.12 -38.94
CA TYR A 204 -16.44 -10.00 -39.20
C TYR A 204 -16.50 -11.37 -38.52
N GLY A 205 -17.43 -11.54 -37.58
CA GLY A 205 -17.61 -12.82 -36.89
C GLY A 205 -16.74 -12.99 -35.66
N CYS A 206 -16.96 -14.05 -34.91
CA CYS A 206 -16.11 -14.36 -33.76
C CYS A 206 -16.18 -15.84 -33.43
N CYS A 207 -15.32 -16.28 -32.54
CA CYS A 207 -15.26 -17.70 -32.21
C CYS A 207 -16.47 -18.12 -31.37
N LYS A 208 -16.79 -19.41 -31.41
CA LYS A 208 -17.76 -19.93 -30.51
C LYS A 208 -17.04 -19.60 -29.21
N GLU A 209 -17.70 -19.55 -28.09
CA GLU A 209 -16.98 -19.21 -26.86
C GLU A 209 -17.26 -17.75 -26.59
N LEU A 210 -16.74 -16.85 -27.42
CA LEU A 210 -17.10 -15.44 -27.22
C LEU A 210 -18.58 -15.32 -27.60
N ALA A 211 -18.96 -15.97 -28.70
CA ALA A 211 -20.35 -15.91 -29.13
C ALA A 211 -21.31 -16.43 -28.07
N SER A 212 -20.95 -17.54 -27.44
CA SER A 212 -21.82 -18.13 -26.44
C SER A 212 -21.90 -17.22 -25.21
N ARG A 213 -20.79 -16.59 -24.87
CA ARG A 213 -20.78 -15.70 -23.72
C ARG A 213 -21.60 -14.43 -23.99
N LEU A 214 -21.58 -13.96 -25.24
CA LEU A 214 -22.39 -12.80 -25.62
C LEU A 214 -23.89 -13.13 -25.60
N ARG A 215 -24.25 -14.37 -25.93
CA ARG A 215 -25.64 -14.80 -25.81
C ARG A 215 -26.05 -14.76 -24.34
N TYR A 216 -25.20 -15.31 -23.48
CA TYR A 216 -25.44 -15.31 -22.04
C TYR A 216 -25.59 -13.86 -21.53
N ALA A 217 -24.70 -12.98 -22.01
CA ALA A 217 -24.76 -11.57 -21.61
C ALA A 217 -26.12 -10.92 -21.93
N ARG A 218 -26.65 -11.22 -23.10
CA ARG A 218 -27.95 -10.68 -23.48
C ARG A 218 -29.05 -11.11 -22.50
N THR A 219 -29.03 -12.38 -22.11
CA THR A 219 -29.97 -12.91 -21.14
C THR A 219 -29.83 -12.16 -19.81
N MET A 220 -28.59 -11.94 -19.39
CA MET A 220 -28.35 -11.23 -18.15
C MET A 220 -28.83 -9.78 -18.21
N VAL A 221 -28.64 -9.15 -19.37
CA VAL A 221 -29.09 -7.76 -19.52
C VAL A 221 -30.62 -7.67 -19.47
N ASP A 222 -31.30 -8.61 -20.13
CA ASP A 222 -32.77 -8.67 -20.06
C ASP A 222 -33.21 -8.80 -18.61
N LYS A 223 -32.51 -9.64 -17.85
CA LYS A 223 -32.82 -9.83 -16.43
C LYS A 223 -32.66 -8.52 -15.64
N LEU A 224 -31.55 -7.83 -15.87
CA LEU A 224 -31.31 -6.54 -15.21
C LEU A 224 -32.44 -5.58 -15.51
N LEU A 225 -32.89 -5.57 -16.77
CA LEU A 225 -34.01 -4.71 -17.17
C LEU A 225 -35.33 -5.14 -16.56
N SER A 226 -35.49 -6.44 -16.32
CA SER A 226 -36.75 -6.96 -15.78
C SER A 226 -36.90 -6.60 -14.32
N SER A 227 -35.79 -6.64 -13.59
CA SER A 227 -35.82 -6.32 -12.17
C SER A 227 -35.61 -4.83 -11.95
N ARG A 228 -35.39 -4.10 -13.05
CA ARG A 228 -35.18 -2.66 -13.00
C ARG A 228 -35.59 -2.05 -11.67
N SER A 229 -34.74 -1.85 -10.79
N HIS B 7 30.47 6.59 9.06
CA HIS B 7 30.55 5.45 8.10
C HIS B 7 30.55 4.13 8.85
N LEU B 8 30.17 3.06 8.15
CA LEU B 8 30.09 1.75 8.77
C LEU B 8 31.44 1.26 9.23
N SER B 9 32.45 1.47 8.39
CA SER B 9 33.83 1.10 8.72
C SER B 9 34.27 1.72 10.04
N ASP B 10 34.01 3.02 10.22
CA ASP B 10 34.35 3.68 11.49
C ASP B 10 33.58 3.05 12.66
N MET B 11 32.29 2.80 12.47
CA MET B 11 31.49 2.22 13.55
C MET B 11 32.06 0.86 13.97
N LEU B 12 32.45 0.06 12.99
CA LEU B 12 33.02 -1.26 13.27
C LEU B 12 34.29 -1.15 14.10
N GLN B 13 35.18 -0.25 13.72
CA GLN B 13 36.41 -0.05 14.48
C GLN B 13 36.13 0.40 15.92
N GLN B 14 35.14 1.27 16.09
CA GLN B 14 34.77 1.75 17.41
C GLN B 14 34.19 0.63 18.27
N LEU B 15 33.34 -0.19 17.68
CA LEU B 15 32.76 -1.31 18.41
C LEU B 15 33.81 -2.36 18.72
N HIS B 16 34.65 -2.68 17.72
CA HIS B 16 35.70 -3.65 17.92
C HIS B 16 36.57 -3.22 19.10
N SER B 17 36.94 -1.95 19.11
CA SER B 17 37.78 -1.43 20.18
C SER B 17 37.13 -1.53 21.57
N VAL B 18 35.90 -1.05 21.71
CA VAL B 18 35.30 -1.10 23.05
C VAL B 18 35.06 -2.54 23.52
N ASN B 19 34.62 -3.41 22.62
CA ASN B 19 34.35 -4.79 22.99
C ASN B 19 35.62 -5.51 23.44
N ALA B 20 36.72 -5.28 22.72
CA ALA B 20 38.00 -5.91 23.02
C ALA B 20 38.53 -5.55 24.42
N SER B 21 38.11 -4.39 24.92
CA SER B 21 38.52 -3.97 26.26
C SER B 21 37.70 -4.65 27.37
N LYS B 22 36.70 -5.44 26.98
CA LYS B 22 35.80 -6.13 27.90
C LYS B 22 35.36 -5.23 29.05
N PRO B 23 34.59 -4.19 28.74
CA PRO B 23 34.25 -3.16 29.73
C PRO B 23 33.45 -3.63 30.96
N SER B 24 32.81 -4.80 30.92
CA SER B 24 32.05 -5.26 32.08
C SER B 24 32.86 -6.15 33.01
N GLU B 25 34.06 -6.52 32.59
CA GLU B 25 34.93 -7.36 33.39
C GLU B 25 35.94 -6.49 34.13
N ARG B 26 35.45 -5.56 34.92
CA ARG B 26 36.31 -4.66 35.69
C ARG B 26 35.92 -4.76 37.15
N GLY B 27 36.87 -4.52 38.03
CA GLY B 27 36.60 -4.54 39.46
C GLY B 27 35.66 -3.40 39.82
N LEU B 28 35.99 -2.21 39.34
CA LEU B 28 35.15 -1.05 39.60
C LEU B 28 34.64 -0.46 38.30
N VAL B 29 33.32 -0.45 38.15
CA VAL B 29 32.68 0.10 36.95
C VAL B 29 32.25 1.53 37.24
N ARG B 30 32.58 2.45 36.35
CA ARG B 30 32.16 3.85 36.51
C ARG B 30 31.50 4.35 35.22
N GLN B 31 30.42 3.68 34.84
CA GLN B 31 29.69 3.97 33.62
C GLN B 31 29.29 5.45 33.51
N GLU B 32 28.93 6.06 34.63
CA GLU B 32 28.50 7.45 34.63
C GLU B 32 29.56 8.37 34.05
N GLU B 33 30.85 8.06 34.22
CA GLU B 33 31.92 8.92 33.71
C GLU B 33 32.02 8.93 32.19
N ALA B 34 31.32 8.00 31.54
CA ALA B 34 31.33 7.92 30.09
C ALA B 34 30.15 8.65 29.46
N GLU B 35 29.22 9.10 30.28
CA GLU B 35 28.06 9.82 29.79
C GLU B 35 28.44 11.16 29.16
N ASP B 36 27.76 11.52 28.07
CA ASP B 36 28.00 12.80 27.42
C ASP B 36 26.70 13.31 26.77
N PRO B 37 25.98 14.14 27.52
CA PRO B 37 24.71 14.73 27.07
C PRO B 37 24.79 15.41 25.70
N ALA B 38 25.93 16.04 25.40
CA ALA B 38 26.10 16.74 24.13
C ALA B 38 26.13 15.77 22.96
N CYS B 39 25.99 14.48 23.27
CA CYS B 39 26.05 13.44 22.27
C CYS B 39 24.70 12.86 21.91
N ILE B 40 23.67 13.26 22.65
CA ILE B 40 22.34 12.76 22.36
C ILE B 40 22.11 12.97 20.87
N PRO B 41 21.69 11.92 20.18
CA PRO B 41 21.45 11.96 18.74
C PRO B 41 20.45 13.03 18.33
N ILE B 42 20.61 13.55 17.12
CA ILE B 42 19.69 14.54 16.59
C ILE B 42 18.44 13.81 16.12
N PHE B 43 18.63 12.62 15.52
CA PHE B 43 17.52 11.83 15.02
C PHE B 43 17.59 10.35 15.43
N TRP B 44 16.42 9.76 15.62
CA TRP B 44 16.28 8.32 15.82
C TRP B 44 14.91 7.86 15.35
N VAL B 45 14.77 6.56 15.08
CA VAL B 45 13.50 6.01 14.64
C VAL B 45 12.56 5.86 15.83
N SER B 46 11.44 6.59 15.81
CA SER B 46 10.48 6.56 16.92
C SER B 46 9.38 5.52 16.75
N LYS B 47 9.08 5.20 15.48
CA LYS B 47 8.08 4.19 15.13
C LYS B 47 8.43 3.63 13.75
N TRP B 48 8.04 2.39 13.51
CA TRP B 48 8.23 1.79 12.19
C TRP B 48 7.16 0.75 11.87
N VAL B 49 6.93 0.54 10.58
CA VAL B 49 5.95 -0.44 10.11
C VAL B 49 6.57 -1.20 8.94
N ASP B 50 6.68 -2.52 9.09
CA ASP B 50 7.28 -3.38 8.08
C ASP B 50 6.25 -3.91 7.10
N TYR B 51 6.06 -3.21 5.99
CA TYR B 51 5.16 -3.66 4.94
C TYR B 51 5.99 -4.00 3.70
N SER B 52 7.20 -4.50 3.94
CA SER B 52 8.12 -4.87 2.87
C SER B 52 7.55 -6.02 2.03
N ASP B 53 6.48 -6.62 2.54
CA ASP B 53 5.77 -7.70 1.87
C ASP B 53 5.33 -7.26 0.47
N LYS B 54 4.88 -6.01 0.37
CA LYS B 54 4.36 -5.52 -0.90
C LYS B 54 4.80 -4.10 -1.25
N TYR B 55 5.13 -3.29 -0.24
CA TYR B 55 5.44 -1.89 -0.49
C TYR B 55 6.82 -1.44 -0.04
N GLY B 56 7.10 -1.63 1.25
CA GLY B 56 8.36 -1.20 1.82
C GLY B 56 8.24 -1.01 3.32
N LEU B 57 9.19 -0.30 3.92
CA LEU B 57 9.16 -0.05 5.36
C LEU B 57 8.93 1.42 5.65
N GLY B 58 7.91 1.70 6.46
CA GLY B 58 7.58 3.06 6.84
C GLY B 58 8.06 3.28 8.25
N TYR B 59 8.42 4.52 8.56
CA TYR B 59 8.99 4.81 9.87
C TYR B 59 8.79 6.27 10.18
N GLN B 60 8.87 6.58 11.46
CA GLN B 60 8.79 7.97 11.90
C GLN B 60 10.10 8.32 12.60
N LEU B 61 10.57 9.53 12.37
CA LEU B 61 11.74 10.02 13.08
C LEU B 61 11.22 10.82 14.27
N CYS B 62 11.94 10.79 15.38
CA CYS B 62 11.51 11.51 16.58
C CYS B 62 11.16 12.96 16.25
N ASP B 63 11.44 13.34 15.01
CA ASP B 63 11.23 14.68 14.51
C ASP B 63 9.76 14.93 14.19
N ASN B 64 8.99 13.83 14.16
CA ASN B 64 7.60 13.88 13.78
C ASN B 64 7.52 13.76 12.27
N SER B 65 8.67 13.86 11.63
CA SER B 65 8.76 13.65 10.20
C SER B 65 8.63 12.16 9.96
N VAL B 66 8.20 11.76 8.77
CA VAL B 66 8.03 10.35 8.45
C VAL B 66 8.74 10.02 7.16
N GLY B 67 8.94 8.75 6.92
CA GLY B 67 9.64 8.32 5.72
C GLY B 67 9.38 6.88 5.38
N VAL B 68 9.88 6.46 4.23
CA VAL B 68 9.68 5.10 3.78
C VAL B 68 10.80 4.69 2.84
N LEU B 69 11.17 3.41 2.91
CA LEU B 69 12.13 2.85 1.99
C LEU B 69 11.34 1.85 1.18
N PHE B 70 10.99 2.23 -0.04
CA PHE B 70 10.20 1.38 -0.92
C PHE B 70 10.99 0.20 -1.45
N ASN B 71 10.28 -0.83 -1.88
CA ASN B 71 10.89 -2.06 -2.37
C ASN B 71 11.77 -1.92 -3.61
N ASP B 72 11.73 -0.77 -4.27
CA ASP B 72 12.59 -0.55 -5.44
C ASP B 72 13.80 0.30 -5.07
N SER B 73 14.12 0.31 -3.77
CA SER B 73 15.28 1.05 -3.27
C SER B 73 15.09 2.57 -3.19
N THR B 74 13.95 3.07 -3.67
CA THR B 74 13.70 4.51 -3.60
C THR B 74 13.19 4.90 -2.22
N ARG B 75 13.36 6.18 -1.89
CA ARG B 75 12.96 6.68 -0.58
C ARG B 75 12.18 8.00 -0.70
N LEU B 76 11.22 8.18 0.20
CA LEU B 76 10.41 9.39 0.22
C LEU B 76 10.27 9.88 1.65
N ILE B 77 10.62 11.15 1.88
CA ILE B 77 10.57 11.74 3.22
C ILE B 77 9.54 12.87 3.32
N LEU B 78 8.70 12.80 4.35
CA LEU B 78 7.71 13.84 4.61
C LEU B 78 8.06 14.63 5.87
N TYR B 79 8.53 15.86 5.68
CA TYR B 79 8.94 16.74 6.79
C TYR B 79 7.86 16.94 7.86
N ASN B 80 8.27 17.46 9.02
CA ASN B 80 7.33 17.67 10.12
C ASN B 80 6.18 18.63 9.81
N ASP B 81 5.96 18.89 8.53
CA ASP B 81 4.82 19.67 8.07
C ASP B 81 4.17 18.93 6.91
N GLY B 82 3.10 18.20 7.21
CA GLY B 82 2.40 17.39 6.22
C GLY B 82 2.40 17.91 4.80
N ASP B 83 3.47 18.58 4.38
CA ASP B 83 3.57 19.10 3.03
C ASP B 83 4.94 18.86 2.37
N SER B 84 5.99 19.48 2.90
CA SER B 84 7.34 19.36 2.33
C SER B 84 7.77 17.92 2.06
N LEU B 85 8.52 17.71 0.98
CA LEU B 85 8.96 16.38 0.59
C LEU B 85 10.36 16.32 0.00
N GLN B 86 11.00 15.16 0.20
CA GLN B 86 12.30 14.88 -0.40
C GLN B 86 12.21 13.49 -0.99
N TYR B 87 12.56 13.35 -2.27
CA TYR B 87 12.51 12.06 -2.94
C TYR B 87 13.92 11.64 -3.37
N ILE B 88 14.33 10.45 -2.95
CA ILE B 88 15.65 9.93 -3.26
C ILE B 88 15.56 8.60 -3.99
N GLU B 89 16.01 8.56 -5.24
CA GLU B 89 15.99 7.33 -6.03
C GLU B 89 17.13 6.38 -5.64
N ARG B 90 17.04 5.14 -6.13
CA ARG B 90 18.04 4.11 -5.83
C ARG B 90 19.45 4.65 -6.00
N ASP B 91 19.64 5.44 -7.04
CA ASP B 91 20.94 6.01 -7.37
C ASP B 91 21.36 7.11 -6.39
N GLY B 92 20.59 7.28 -5.33
CA GLY B 92 20.89 8.27 -4.30
C GLY B 92 20.60 9.71 -4.70
N THR B 93 20.10 9.91 -5.91
CA THR B 93 19.79 11.25 -6.40
C THR B 93 18.65 11.88 -5.62
N GLU B 94 18.91 13.06 -5.07
CA GLU B 94 17.91 13.78 -4.30
C GLU B 94 16.93 14.51 -5.22
N SER B 95 15.85 15.03 -4.62
CA SER B 95 14.83 15.79 -5.35
C SER B 95 13.82 16.32 -4.35
N TYR B 96 13.67 17.64 -4.29
CA TYR B 96 12.80 18.27 -3.30
C TYR B 96 11.51 18.82 -3.91
N LEU B 97 10.39 18.18 -3.55
CA LEU B 97 9.09 18.59 -4.05
C LEU B 97 8.10 18.90 -2.93
N THR B 98 6.81 18.77 -3.22
CA THR B 98 5.77 19.08 -2.25
C THR B 98 4.59 18.12 -2.42
N VAL B 99 3.76 18.01 -1.38
CA VAL B 99 2.57 17.19 -1.46
C VAL B 99 1.52 17.98 -2.25
N SER B 100 1.63 19.30 -2.17
CA SER B 100 0.74 20.20 -2.89
C SER B 100 1.17 20.32 -4.34
N SER B 101 2.29 19.67 -4.67
CA SER B 101 2.80 19.66 -6.03
C SER B 101 2.33 18.39 -6.72
N HIS B 102 1.13 17.96 -6.35
CA HIS B 102 0.47 16.76 -6.87
C HIS B 102 1.26 15.98 -7.92
N PRO B 103 2.36 15.34 -7.51
CA PRO B 103 3.19 14.55 -8.43
C PRO B 103 2.46 13.29 -8.92
N ASN B 104 2.16 13.25 -10.21
CA ASN B 104 1.46 12.08 -10.77
C ASN B 104 2.35 10.85 -10.75
N SER B 105 3.61 11.02 -11.12
CA SER B 105 4.56 9.91 -11.10
C SER B 105 4.79 9.43 -9.67
N LEU B 106 4.78 10.35 -8.72
CA LEU B 106 4.98 10.03 -7.32
C LEU B 106 3.68 10.05 -6.53
N MET B 107 2.58 9.75 -7.21
CA MET B 107 1.27 9.75 -6.56
C MET B 107 1.00 8.52 -5.71
N LYS B 108 1.39 7.35 -6.22
CA LYS B 108 1.18 6.11 -5.49
C LYS B 108 2.13 6.04 -4.30
N LYS B 109 3.31 6.62 -4.44
CA LYS B 109 4.29 6.60 -3.35
C LYS B 109 3.91 7.55 -2.21
N ILE B 110 3.52 8.77 -2.57
CA ILE B 110 3.08 9.75 -1.59
C ILE B 110 1.87 9.23 -0.82
N THR B 111 0.93 8.63 -1.56
CA THR B 111 -0.26 8.06 -0.96
C THR B 111 0.12 7.00 0.06
N LEU B 112 1.04 6.12 -0.34
CA LEU B 112 1.52 5.07 0.55
C LEU B 112 2.13 5.69 1.81
N LEU B 113 2.81 6.81 1.63
CA LEU B 113 3.45 7.49 2.76
C LEU B 113 2.42 8.03 3.74
N LYS B 114 1.28 8.47 3.21
CA LYS B 114 0.20 9.00 4.04
C LYS B 114 -0.35 7.89 4.94
N TYR B 115 -0.64 6.74 4.32
CA TYR B 115 -1.17 5.60 5.06
C TYR B 115 -0.27 5.25 6.24
N PHE B 116 1.02 5.09 5.98
CA PHE B 116 1.97 4.76 7.03
C PHE B 116 1.89 5.75 8.19
N ARG B 117 1.99 7.04 7.84
CA ARG B 117 1.91 8.11 8.83
C ARG B 117 0.68 7.95 9.70
N ASN B 118 -0.48 7.87 9.06
CA ASN B 118 -1.74 7.71 9.77
C ASN B 118 -1.79 6.43 10.59
N TYR B 119 -1.22 5.35 10.05
CA TYR B 119 -1.22 4.08 10.75
C TYR B 119 -0.39 4.15 12.04
N MET B 120 0.81 4.71 11.94
CA MET B 120 1.69 4.82 13.09
C MET B 120 1.07 5.72 14.16
N SER B 121 0.53 6.86 13.72
CA SER B 121 -0.11 7.83 14.61
C SER B 121 -1.33 7.25 15.31
N GLU B 122 -1.82 6.12 14.82
CA GLU B 122 -3.02 5.48 15.37
C GLU B 122 -2.76 4.36 16.38
N HIS B 123 -1.82 3.46 16.06
CA HIS B 123 -1.59 2.29 16.91
C HIS B 123 -0.23 2.23 17.60
N LEU B 124 0.73 3.03 17.16
CA LEU B 124 2.11 2.88 17.63
C LEU B 124 2.63 3.91 18.66
N LEU B 125 3.38 3.41 19.64
CA LEU B 125 3.99 4.24 20.66
C LEU B 125 5.31 4.88 20.18
N LYS B 126 5.47 6.17 20.48
CA LYS B 126 6.65 6.93 20.07
C LYS B 126 7.84 6.65 20.99
N ALA B 127 8.85 5.97 20.46
CA ALA B 127 10.06 5.64 21.21
C ALA B 127 10.91 6.86 21.51
N GLY B 128 11.48 6.90 22.71
CA GLY B 128 12.31 8.01 23.12
C GLY B 128 11.49 9.27 23.32
N ALA B 129 10.22 9.10 23.64
CA ALA B 129 9.33 10.23 23.86
C ALA B 129 9.87 11.14 24.96
N ASN B 130 10.61 10.56 25.90
CA ASN B 130 11.19 11.32 27.01
C ASN B 130 12.58 11.86 26.74
N ILE B 131 13.02 11.78 25.49
CA ILE B 131 14.34 12.28 25.11
C ILE B 131 14.23 13.59 24.33
N THR B 132 15.16 14.51 24.55
CA THR B 132 15.20 15.77 23.82
C THR B 132 16.37 15.79 22.83
N PRO B 133 16.05 15.85 21.55
CA PRO B 133 17.05 15.85 20.47
C PRO B 133 18.10 16.97 20.53
N ARG B 134 18.99 17.00 19.53
CA ARG B 134 20.14 17.91 19.52
C ARG B 134 20.08 19.00 18.45
N GLU B 135 21.25 19.59 18.15
CA GLU B 135 21.37 20.66 17.16
C GLU B 135 21.64 20.13 15.75
N GLY B 136 21.04 20.79 14.75
CA GLY B 136 21.22 20.41 13.36
C GLY B 136 21.42 21.64 12.47
N ASP B 137 21.90 21.40 11.25
CA ASP B 137 22.13 22.48 10.29
C ASP B 137 20.90 22.71 9.42
N GLU B 138 19.88 23.32 10.02
CA GLU B 138 18.59 23.61 9.38
C GLU B 138 18.59 23.70 7.86
N LEU B 139 19.62 24.24 7.24
CA LEU B 139 19.65 24.46 5.79
C LEU B 139 19.72 23.18 4.94
N ALA B 140 20.08 22.07 5.57
CA ALA B 140 20.17 20.79 4.86
C ALA B 140 20.54 19.66 5.81
N ARG B 141 19.57 19.20 6.59
CA ARG B 141 19.79 18.12 7.54
C ARG B 141 18.51 17.35 7.85
N LEU B 142 18.52 16.07 7.50
CA LEU B 142 17.41 15.16 7.75
C LEU B 142 17.72 13.90 6.99
N PRO B 143 18.03 12.87 7.72
CA PRO B 143 18.45 11.60 7.11
C PRO B 143 17.31 10.73 6.62
N TYR B 144 17.62 9.84 5.69
CA TYR B 144 16.65 8.89 5.20
C TYR B 144 17.16 7.50 5.56
N LEU B 145 16.29 6.51 5.48
CA LEU B 145 16.68 5.14 5.78
C LEU B 145 17.47 4.54 4.64
N ARG B 146 18.77 4.34 4.84
CA ARG B 146 19.60 3.75 3.79
C ARG B 146 19.25 2.29 3.61
N THR B 147 19.15 1.57 4.72
CA THR B 147 18.79 0.17 4.68
C THR B 147 18.38 -0.33 6.06
N TRP B 148 17.88 -1.55 6.11
CA TRP B 148 17.42 -2.13 7.36
C TRP B 148 17.31 -3.62 7.18
N PHE B 149 17.26 -4.36 8.30
CA PHE B 149 17.02 -5.80 8.25
C PHE B 149 16.57 -6.29 9.61
N ARG B 150 15.90 -7.43 9.65
CA ARG B 150 15.44 -7.98 10.91
C ARG B 150 16.15 -9.29 11.19
N THR B 151 16.30 -9.60 12.48
CA THR B 151 16.83 -10.91 12.90
C THR B 151 15.76 -11.45 13.84
N ARG B 152 16.00 -12.61 14.45
CA ARG B 152 15.03 -13.18 15.39
C ARG B 152 14.96 -12.42 16.71
N SER B 153 15.89 -11.50 16.94
CA SER B 153 15.95 -10.77 18.21
C SER B 153 15.81 -9.27 18.08
N ALA B 154 16.00 -8.72 16.89
CA ALA B 154 15.95 -7.28 16.74
C ALA B 154 15.70 -6.80 15.32
N ILE B 155 15.38 -5.52 15.18
CA ILE B 155 15.34 -4.87 13.87
C ILE B 155 16.52 -3.90 13.87
N ILE B 156 17.24 -3.85 12.75
CA ILE B 156 18.42 -3.00 12.58
C ILE B 156 18.15 -1.93 11.52
N LEU B 157 18.29 -0.68 11.91
CA LEU B 157 17.99 0.45 11.03
C LEU B 157 19.23 1.30 10.76
N HIS B 158 19.59 1.41 9.49
CA HIS B 158 20.78 2.18 9.10
C HIS B 158 20.40 3.48 8.38
N LEU B 159 20.59 4.62 9.05
CA LEU B 159 20.26 5.93 8.48
C LEU B 159 21.42 6.53 7.69
N SER B 160 21.09 7.48 6.82
CA SER B 160 22.07 8.11 5.93
C SER B 160 23.08 9.01 6.61
N ASN B 161 22.79 9.44 7.84
CA ASN B 161 23.75 10.25 8.58
C ASN B 161 24.79 9.37 9.26
N GLY B 162 24.69 8.07 9.00
CA GLY B 162 25.64 7.10 9.54
C GLY B 162 25.19 6.37 10.80
N SER B 163 24.13 6.86 11.44
CA SER B 163 23.62 6.23 12.66
C SER B 163 23.04 4.85 12.40
N VAL B 164 23.22 3.96 13.36
CA VAL B 164 22.67 2.62 13.29
C VAL B 164 21.84 2.39 14.55
N GLN B 165 20.58 2.06 14.36
CA GLN B 165 19.67 1.86 15.49
C GLN B 165 19.29 0.39 15.57
N ILE B 166 19.32 -0.14 16.78
CA ILE B 166 18.96 -1.54 17.01
C ILE B 166 17.88 -1.63 18.10
N ASN B 167 16.70 -2.14 17.73
CA ASN B 167 15.60 -2.30 18.68
C ASN B 167 15.43 -3.77 18.99
N PHE B 168 15.64 -4.15 20.24
CA PHE B 168 15.50 -5.55 20.63
C PHE B 168 14.03 -5.88 20.90
N PHE B 169 13.52 -6.92 20.24
CA PHE B 169 12.11 -7.32 20.33
C PHE B 169 11.60 -7.74 21.71
N GLN B 170 12.23 -8.73 22.32
CA GLN B 170 11.72 -9.30 23.58
C GLN B 170 11.73 -8.42 24.82
N ASP B 171 12.79 -7.64 25.01
CA ASP B 171 12.91 -6.85 26.23
C ASP B 171 12.68 -5.37 26.01
N HIS B 172 12.48 -4.96 24.76
CA HIS B 172 12.19 -3.57 24.44
C HIS B 172 13.36 -2.58 24.59
N THR B 173 14.57 -3.09 24.80
CA THR B 173 15.73 -2.20 24.89
C THR B 173 16.18 -1.80 23.48
N LYS B 174 16.84 -0.65 23.36
CA LYS B 174 17.29 -0.15 22.08
C LYS B 174 18.63 0.55 22.19
N LEU B 175 19.40 0.50 21.10
CA LEU B 175 20.66 1.22 21.01
C LEU B 175 20.62 2.14 19.81
N ILE B 176 21.16 3.33 19.95
CA ILE B 176 21.33 4.25 18.83
C ILE B 176 22.82 4.56 18.76
N LEU B 177 23.48 4.09 17.70
CA LEU B 177 24.93 4.29 17.57
C LEU B 177 25.24 5.34 16.51
N CYS B 178 26.13 6.28 16.85
CA CYS B 178 26.56 7.30 15.91
C CYS B 178 28.08 7.23 15.76
N PRO B 179 28.55 6.97 14.55
CA PRO B 179 29.99 6.85 14.28
C PRO B 179 30.71 8.19 14.16
N LEU B 180 29.94 9.28 14.04
CA LEU B 180 30.52 10.63 13.96
C LEU B 180 30.94 11.06 15.35
N MET B 181 30.09 10.77 16.33
CA MET B 181 30.37 11.12 17.71
C MET B 181 31.02 9.96 18.47
N ALA B 182 31.14 8.82 17.80
CA ALA B 182 31.64 7.58 18.44
C ALA B 182 30.92 7.38 19.76
N ALA B 183 29.59 7.38 19.69
CA ALA B 183 28.75 7.27 20.87
C ALA B 183 27.61 6.28 20.73
N VAL B 184 27.02 5.93 21.87
CA VAL B 184 25.89 5.02 21.90
C VAL B 184 24.88 5.54 22.90
N THR B 185 23.61 5.54 22.48
CA THR B 185 22.52 5.87 23.38
C THR B 185 21.85 4.56 23.72
N TYR B 186 21.68 4.29 25.02
CA TYR B 186 21.05 3.07 25.45
C TYR B 186 19.72 3.41 26.08
N ILE B 187 18.66 2.81 25.56
CA ILE B 187 17.33 2.95 26.14
C ILE B 187 17.04 1.62 26.80
N ASP B 188 16.90 1.61 28.12
CA ASP B 188 16.72 0.36 28.84
C ASP B 188 15.26 -0.04 28.98
N GLU B 189 15.00 -1.14 29.68
CA GLU B 189 13.63 -1.63 29.83
C GLU B 189 12.73 -0.74 30.70
N LYS B 190 13.30 0.20 31.45
CA LYS B 190 12.50 1.14 32.24
C LYS B 190 12.23 2.37 31.39
N ARG B 191 12.75 2.34 30.17
CA ARG B 191 12.65 3.46 29.23
C ARG B 191 13.59 4.62 29.58
N ASP B 192 14.52 4.36 30.50
CA ASP B 192 15.51 5.38 30.81
C ASP B 192 16.57 5.34 29.74
N PHE B 193 17.19 6.49 29.51
CA PHE B 193 18.15 6.62 28.43
C PHE B 193 19.39 7.35 28.91
N ARG B 194 20.51 6.98 28.30
CA ARG B 194 21.78 7.59 28.61
C ARG B 194 22.63 7.48 27.35
N THR B 195 23.42 8.52 27.09
CA THR B 195 24.28 8.54 25.92
C THR B 195 25.72 8.50 26.41
N TYR B 196 26.50 7.56 25.87
CA TYR B 196 27.89 7.34 26.30
C TYR B 196 28.88 7.45 25.15
N ARG B 197 30.07 7.97 25.42
CA ARG B 197 31.15 7.93 24.45
C ARG B 197 31.74 6.53 24.49
N LEU B 198 31.83 5.86 23.34
CA LEU B 198 32.36 4.50 23.30
C LEU B 198 33.78 4.39 23.86
N SER B 199 34.64 5.33 23.49
CA SER B 199 36.02 5.32 24.01
C SER B 199 36.06 5.49 25.52
N LEU B 200 35.11 6.23 26.07
CA LEU B 200 35.04 6.40 27.53
C LEU B 200 34.50 5.15 28.25
N LEU B 201 33.66 4.37 27.57
CA LEU B 201 33.19 3.12 28.19
C LEU B 201 34.37 2.18 28.32
N GLU B 202 35.31 2.28 27.39
CA GLU B 202 36.52 1.47 27.39
C GLU B 202 37.40 1.76 28.61
N GLU B 203 37.50 3.03 28.96
CA GLU B 203 38.32 3.44 30.08
C GLU B 203 37.64 3.26 31.44
N TYR B 204 36.35 3.55 31.52
CA TYR B 204 35.65 3.53 32.79
C TYR B 204 34.84 2.28 33.10
N GLY B 205 34.54 1.50 32.06
CA GLY B 205 33.78 0.27 32.20
C GLY B 205 32.30 0.51 32.04
N CYS B 206 31.52 -0.58 31.99
CA CYS B 206 30.06 -0.47 31.95
C CYS B 206 29.38 -1.76 32.40
N CYS B 207 28.06 -1.70 32.59
CA CYS B 207 27.30 -2.86 33.04
C CYS B 207 27.20 -3.95 31.97
N LYS B 208 26.86 -5.15 32.42
CA LYS B 208 26.66 -6.30 31.53
C LYS B 208 25.58 -6.02 30.48
N GLU B 209 24.50 -5.37 30.90
CA GLU B 209 23.39 -4.98 30.03
C GLU B 209 23.88 -4.33 28.75
N LEU B 210 24.60 -3.24 28.90
CA LEU B 210 25.10 -2.48 27.77
C LEU B 210 26.23 -3.20 27.04
N ALA B 211 27.18 -3.76 27.79
CA ALA B 211 28.30 -4.47 27.18
C ALA B 211 27.85 -5.59 26.26
N SER B 212 26.92 -6.41 26.73
CA SER B 212 26.41 -7.54 25.94
C SER B 212 25.70 -7.05 24.67
N ARG B 213 24.98 -5.95 24.76
CA ARG B 213 24.30 -5.43 23.57
C ARG B 213 25.28 -4.82 22.56
N LEU B 214 26.40 -4.27 23.04
CA LEU B 214 27.46 -3.75 22.16
C LEU B 214 28.16 -4.89 21.41
N ARG B 215 28.27 -6.06 22.03
CA ARG B 215 28.83 -7.21 21.34
C ARG B 215 27.89 -7.63 20.21
N TYR B 216 26.58 -7.62 20.46
CA TYR B 216 25.61 -7.95 19.41
C TYR B 216 25.66 -6.89 18.32
N ALA B 217 25.79 -5.64 18.73
CA ALA B 217 25.84 -4.55 17.77
C ALA B 217 26.98 -4.73 16.78
N ARG B 218 28.15 -5.14 17.27
CA ARG B 218 29.28 -5.33 16.37
C ARG B 218 28.92 -6.38 15.32
N THR B 219 28.26 -7.45 15.75
CA THR B 219 27.82 -8.48 14.80
C THR B 219 26.92 -7.90 13.71
N MET B 220 25.96 -7.06 14.12
CA MET B 220 25.03 -6.43 13.18
C MET B 220 25.73 -5.50 12.19
N VAL B 221 26.69 -4.73 12.69
CA VAL B 221 27.45 -3.82 11.83
C VAL B 221 28.26 -4.61 10.79
N ASP B 222 28.83 -5.73 11.21
CA ASP B 222 29.54 -6.60 10.28
C ASP B 222 28.58 -7.06 9.17
N LYS B 223 27.33 -7.34 9.53
CA LYS B 223 26.32 -7.73 8.54
C LYS B 223 26.00 -6.59 7.57
N LEU B 224 25.85 -5.37 8.07
CA LEU B 224 25.62 -4.21 7.20
C LEU B 224 26.80 -4.04 6.24
N LEU B 225 28.00 -4.29 6.75
CA LEU B 225 29.22 -4.19 5.94
C LEU B 225 29.36 -5.30 4.90
N SER B 226 28.87 -6.48 5.24
CA SER B 226 28.94 -7.63 4.35
C SER B 226 28.29 -7.31 3.01
N SER B 227 27.02 -6.93 3.06
CA SER B 227 26.25 -6.64 1.86
C SER B 227 26.03 -5.14 1.70
N ARG B 228 27.12 -4.38 1.64
CA ARG B 228 27.02 -2.92 1.51
C ARG B 228 26.59 -2.50 0.10
N SER B 229 25.39 -2.47 -0.20
N PRO C 1 -19.04 -19.42 -5.47
CA PRO C 1 -18.07 -18.87 -4.49
C PRO C 1 -18.60 -17.58 -3.87
N MET C 2 -18.22 -17.32 -2.62
CA MET C 2 -18.67 -16.11 -1.94
C MET C 2 -17.64 -15.00 -2.06
N GLN C 3 -16.60 -15.26 -2.84
CA GLN C 3 -15.55 -14.29 -3.10
C GLN C 3 -14.97 -14.54 -4.48
N SER C 4 -14.32 -13.54 -5.05
CA SER C 4 -13.70 -13.68 -6.36
C SER C 4 -12.42 -14.54 -6.23
N TPO C 5 -11.64 -14.77 -7.28
CA TPO C 5 -10.57 -15.76 -7.34
CB TPO C 5 -10.04 -15.70 -8.78
CG2 TPO C 5 -8.81 -16.59 -8.95
OG1 TPO C 5 -11.06 -16.17 -9.67
P TPO C 5 -11.71 -15.14 -10.72
O1P TPO C 5 -12.83 -16.06 -11.39
O2P TPO C 5 -10.51 -14.71 -11.65
O3P TPO C 5 -12.32 -13.94 -9.86
C TPO C 5 -9.45 -15.46 -6.35
O TPO C 5 -8.95 -14.24 -6.26
N PRO C 6 -9.10 -16.41 -5.49
CA PRO C 6 -8.05 -16.32 -4.42
C PRO C 6 -6.65 -16.14 -4.99
N LEU C 7 -5.80 -15.51 -4.17
CA LEU C 7 -4.42 -15.24 -4.50
C LEU C 7 -3.63 -16.51 -4.82
N PRO D 1 7.79 -9.71 14.90
CA PRO D 1 6.91 -8.52 14.94
C PRO D 1 6.99 -7.74 13.62
N MET D 2 5.83 -7.36 13.08
CA MET D 2 5.80 -6.62 11.83
C MET D 2 5.59 -5.13 12.06
N GLN D 3 5.69 -4.72 13.32
CA GLN D 3 5.51 -3.33 13.70
C GLN D 3 6.17 -3.05 15.04
N SER D 4 6.43 -1.78 15.32
CA SER D 4 7.05 -1.39 16.58
C SER D 4 5.99 -1.28 17.67
N TPO D 5 6.33 -1.06 18.94
CA TPO D 5 5.56 -1.34 20.15
CB TPO D 5 6.46 -0.90 21.30
CG2 TPO D 5 5.69 -0.87 22.61
OG1 TPO D 5 7.56 -1.79 21.42
P TPO D 5 9.09 -1.33 21.19
O1P TPO D 5 9.34 -0.25 22.35
O2P TPO D 5 9.10 -0.65 19.73
O3P TPO D 5 9.90 -2.68 21.39
C TPO D 5 4.26 -0.58 20.18
O TPO D 5 4.18 0.66 19.69
N PRO D 6 3.29 -1.47 20.42
CA PRO D 6 2.02 -0.76 20.17
C PRO D 6 1.62 0.13 21.33
N LEU D 7 0.77 1.12 21.07
CA LEU D 7 0.29 2.03 22.09
C LEU D 7 -0.57 1.31 23.12
#